data_3SEO
#
_entry.id   3SEO
#
_cell.length_a   55.180
_cell.length_b   89.851
_cell.length_c   103.007
_cell.angle_alpha   90.000
_cell.angle_beta   90.000
_cell.angle_gamma   90.000
#
_symmetry.space_group_name_H-M   'P 21 21 21'
#
loop_
_entity.id
_entity.type
_entity.pdbx_description
1 polymer 'VopL C terminal domain protein'
2 non-polymer 'CHLORIDE ION'
3 water water
#
_entity_poly.entity_id   1
_entity_poly.type   'polypeptide(L)'
_entity_poly.pdbx_seq_one_letter_code
;GHMRLLSEDLFKQSPKLSEQELDELANNLADYLFQAADIDWHQVISEKTRGLTTEEMAKSEHRYVQAFCREILKYPDCYK
SADVASPESPKSGGGSVIDVALKRLQTGRERLFTTTDEKGNRELKKGDAILESAINAARMAISTEEKNTILSNNVKSATF
EVFCELPCMDGFAEQNGKTAFYALRAGFYSAFKNTDTAKQDITKFMKDNLQAGFSGYSYQGLTNRVAQLEAQLAALSAKL
S
;
_entity_poly.pdbx_strand_id   A,B
#
# COMPACT_ATOMS: atom_id res chain seq x y z
N HIS A 2 15.05 24.25 -8.58
CA HIS A 2 16.29 23.86 -9.26
C HIS A 2 16.06 22.66 -10.18
N MET A 3 17.11 22.25 -10.88
CA MET A 3 17.03 21.11 -11.79
C MET A 3 17.17 19.77 -11.07
N ARG A 4 17.97 19.74 -10.00
CA ARG A 4 18.19 18.50 -9.27
C ARG A 4 16.95 18.12 -8.45
N LEU A 5 16.18 19.13 -8.02
CA LEU A 5 14.97 18.90 -7.23
C LEU A 5 13.94 18.01 -7.94
N LEU A 6 13.93 18.04 -9.26
CA LEU A 6 12.91 17.34 -10.03
C LEU A 6 13.38 15.97 -10.52
N SER A 7 14.62 15.62 -10.19
CA SER A 7 15.14 14.30 -10.51
C SER A 7 14.36 13.21 -9.76
N GLU A 8 14.01 12.14 -10.45
CA GLU A 8 13.26 11.04 -9.83
C GLU A 8 14.21 10.16 -9.01
N ASP A 9 15.51 10.37 -9.19
CA ASP A 9 16.52 9.57 -8.52
C ASP A 9 17.24 10.37 -7.44
N LEU A 10 16.62 11.47 -7.03
CA LEU A 10 17.20 12.35 -6.01
C LEU A 10 17.73 11.58 -4.78
N PHE A 11 16.92 10.67 -4.26
CA PHE A 11 17.29 9.94 -3.04
C PHE A 11 18.46 9.00 -3.28
N LYS A 12 18.65 8.61 -4.53
CA LYS A 12 19.79 7.76 -4.90
C LYS A 12 21.07 8.60 -5.00
N GLN A 13 20.93 9.83 -5.49
CA GLN A 13 22.11 10.67 -5.75
C GLN A 13 22.47 11.60 -4.60
N SER A 14 21.55 11.82 -3.67
CA SER A 14 21.77 12.80 -2.60
C SER A 14 22.86 12.39 -1.60
N PRO A 15 22.95 11.10 -1.27
CA PRO A 15 24.01 10.68 -0.34
C PRO A 15 25.42 10.89 -0.91
N LYS A 16 25.52 11.08 -2.22
CA LYS A 16 26.82 11.23 -2.87
C LYS A 16 27.27 12.70 -2.95
N LEU A 17 26.39 13.60 -2.51
CA LEU A 17 26.67 15.03 -2.60
C LEU A 17 27.65 15.51 -1.55
N SER A 18 28.44 16.53 -1.90
CA SER A 18 29.34 17.16 -0.95
C SER A 18 28.54 17.96 0.07
N GLU A 19 29.19 18.34 1.16
CA GLU A 19 28.53 19.13 2.20
C GLU A 19 27.90 20.39 1.62
N GLN A 20 28.63 21.05 0.73
CA GLN A 20 28.17 22.28 0.10
C GLN A 20 26.92 22.03 -0.74
N GLU A 21 26.98 21.00 -1.59
CA GLU A 21 25.88 20.67 -2.48
C GLU A 21 24.65 20.21 -1.70
N LEU A 22 24.86 19.42 -0.66
CA LEU A 22 23.76 18.90 0.14
C LEU A 22 23.00 20.02 0.84
N ASP A 23 23.76 20.95 1.42
CA ASP A 23 23.18 22.09 2.11
C ASP A 23 22.37 22.97 1.15
N GLU A 24 22.87 23.12 -0.07
CA GLU A 24 22.18 23.91 -1.07
C GLU A 24 20.89 23.22 -1.50
N LEU A 25 20.99 21.92 -1.79
CA LEU A 25 19.82 21.14 -2.18
C LEU A 25 18.74 21.23 -1.10
N ALA A 26 19.14 21.01 0.14
CA ALA A 26 18.20 21.02 1.26
C ALA A 26 17.50 22.38 1.36
N ASN A 27 18.27 23.44 1.22
CA ASN A 27 17.71 24.79 1.29
C ASN A 27 16.81 25.14 0.11
N ASN A 28 17.19 24.68 -1.09
CA ASN A 28 16.34 24.86 -2.26
C ASN A 28 15.03 24.11 -2.11
N LEU A 29 15.14 22.87 -1.62
CA LEU A 29 13.96 22.03 -1.42
C LEU A 29 12.99 22.70 -0.45
N ALA A 30 13.52 23.21 0.65
CA ALA A 30 12.69 23.86 1.66
C ALA A 30 11.97 25.07 1.08
N ASP A 31 12.71 25.89 0.33
CA ASP A 31 12.12 27.08 -0.28
C ASP A 31 11.01 26.69 -1.24
N TYR A 32 11.23 25.62 -2.01
CA TYR A 32 10.21 25.19 -2.94
C TYR A 32 8.93 24.80 -2.22
N LEU A 33 9.07 24.04 -1.14
CA LEU A 33 7.92 23.61 -0.35
C LEU A 33 7.07 24.80 0.06
N PHE A 34 7.74 25.85 0.55
CA PHE A 34 7.03 27.03 1.02
C PHE A 34 6.43 27.84 -0.12
N GLN A 35 7.17 27.95 -1.22
CA GLN A 35 6.66 28.64 -2.40
C GLN A 35 5.40 27.94 -2.91
N ALA A 36 5.49 26.62 -3.06
CA ALA A 36 4.43 25.85 -3.73
C ALA A 36 3.23 25.55 -2.84
N ALA A 37 3.39 25.71 -1.53
CA ALA A 37 2.33 25.36 -0.58
C ALA A 37 1.04 26.12 -0.86
N ASP A 38 -0.08 25.40 -0.86
CA ASP A 38 -1.39 26.01 -1.07
C ASP A 38 -2.03 26.42 0.25
N ILE A 39 -2.80 27.50 0.21
CA ILE A 39 -3.52 27.98 1.39
C ILE A 39 -5.01 27.67 1.30
N ASP A 40 -5.60 27.30 2.45
CA ASP A 40 -7.02 27.04 2.54
C ASP A 40 -7.79 28.36 2.71
N TRP A 41 -7.97 29.08 1.61
CA TRP A 41 -8.53 30.43 1.66
C TRP A 41 -9.99 30.51 2.11
N HIS A 42 -10.80 29.56 1.65
CA HIS A 42 -12.22 29.54 2.03
C HIS A 42 -12.37 29.26 3.52
N GLN A 43 -11.24 29.01 4.18
CA GLN A 43 -11.21 28.78 5.61
C GLN A 43 -10.52 29.95 6.33
N VAL A 44 -9.48 30.47 5.71
CA VAL A 44 -8.71 31.58 6.28
C VAL A 44 -9.58 32.82 6.47
N ILE A 45 -10.28 33.21 5.41
CA ILE A 45 -11.07 34.43 5.43
C ILE A 45 -12.42 34.22 6.10
N SER A 46 -12.98 33.03 5.95
CA SER A 46 -14.21 32.68 6.65
C SER A 46 -14.03 32.77 8.15
N GLU A 47 -12.79 32.58 8.60
CA GLU A 47 -12.46 32.67 10.02
C GLU A 47 -12.01 34.08 10.40
N LYS A 48 -11.64 34.87 9.41
CA LYS A 48 -11.24 36.25 9.65
C LYS A 48 -12.42 37.19 9.44
N THR A 49 -13.60 36.62 9.23
CA THR A 49 -14.81 37.40 9.04
C THR A 49 -15.99 36.77 9.78
N THR A 53 -18.00 43.94 9.97
CA THR A 53 -17.57 45.30 9.69
C THR A 53 -17.26 45.48 8.20
N THR A 54 -18.32 45.45 7.39
CA THR A 54 -18.19 45.57 5.94
C THR A 54 -17.18 46.63 5.52
N GLU A 55 -17.23 47.79 6.16
CA GLU A 55 -16.37 48.91 5.77
C GLU A 55 -14.93 48.73 6.23
N GLU A 56 -14.74 48.21 7.44
CA GLU A 56 -13.39 48.00 7.97
C GLU A 56 -12.61 46.99 7.15
N MET A 57 -13.32 46.23 6.32
CA MET A 57 -12.68 45.27 5.43
C MET A 57 -11.96 46.00 4.30
N ALA A 58 -12.55 47.10 3.83
CA ALA A 58 -11.99 47.88 2.73
C ALA A 58 -10.53 48.25 2.98
N LYS A 59 -10.22 48.64 4.21
CA LYS A 59 -8.85 48.95 4.60
C LYS A 59 -8.49 48.21 5.89
N SER A 60 -8.61 46.89 5.83
CA SER A 60 -8.41 46.04 7.01
C SER A 60 -6.94 45.93 7.41
N GLU A 61 -6.71 45.42 8.61
CA GLU A 61 -5.37 45.22 9.14
C GLU A 61 -4.55 44.34 8.21
N HIS A 62 -5.18 43.29 7.69
CA HIS A 62 -4.52 42.36 6.77
C HIS A 62 -4.84 42.75 5.33
N ARG A 63 -3.79 42.98 4.54
CA ARG A 63 -3.97 43.42 3.16
C ARG A 63 -4.68 42.38 2.29
N TYR A 64 -4.53 41.10 2.66
CA TYR A 64 -5.10 40.02 1.85
C TYR A 64 -6.61 39.85 2.02
N VAL A 65 -7.14 40.24 3.18
CA VAL A 65 -8.57 40.09 3.43
C VAL A 65 -9.38 41.14 2.67
N GLN A 66 -8.82 42.33 2.51
CA GLN A 66 -9.52 43.39 1.80
C GLN A 66 -9.60 43.07 0.31
N ALA A 67 -8.49 42.62 -0.26
CA ALA A 67 -8.43 42.29 -1.68
C ALA A 67 -9.47 41.23 -2.04
N PHE A 68 -9.50 40.15 -1.27
CA PHE A 68 -10.42 39.04 -1.51
C PHE A 68 -11.88 39.49 -1.46
N CYS A 69 -12.22 40.27 -0.44
CA CYS A 69 -13.59 40.73 -0.27
C CYS A 69 -13.92 41.88 -1.22
N ARG A 70 -12.89 42.67 -1.56
CA ARG A 70 -13.07 43.80 -2.46
C ARG A 70 -13.63 43.34 -3.81
N GLU A 71 -13.56 42.05 -4.07
CA GLU A 71 -14.08 41.49 -5.31
C GLU A 71 -15.36 40.71 -5.07
N ILE A 72 -15.58 40.29 -3.84
CA ILE A 72 -16.81 39.60 -3.48
C ILE A 72 -17.90 40.61 -3.14
N LEU A 73 -17.50 41.84 -2.84
CA LEU A 73 -18.44 42.90 -2.51
C LEU A 73 -19.08 43.47 -3.77
N LYS A 74 -18.31 43.52 -4.85
CA LYS A 74 -18.78 44.09 -6.11
C LYS A 74 -20.10 43.44 -6.55
N TYR A 75 -20.25 42.17 -6.22
CA TYR A 75 -21.46 41.43 -6.60
C TYR A 75 -22.45 41.39 -5.43
N PRO A 76 -23.71 41.74 -5.71
CA PRO A 76 -24.77 41.93 -4.72
C PRO A 76 -25.12 40.68 -3.92
N ASP A 77 -25.01 39.52 -4.57
CA ASP A 77 -25.38 38.22 -4.00
C ASP A 77 -26.56 37.62 -4.76
N SER A 96 -20.15 37.07 8.03
CA SER A 96 -20.86 35.85 7.71
C SER A 96 -21.50 35.92 6.32
N VAL A 97 -21.74 37.14 5.85
CA VAL A 97 -22.28 37.34 4.50
C VAL A 97 -21.28 36.83 3.47
N ILE A 98 -19.99 36.93 3.82
CA ILE A 98 -18.94 36.41 2.97
C ILE A 98 -19.00 34.89 2.97
N ASP A 99 -19.47 34.33 4.08
CA ASP A 99 -19.65 32.89 4.20
C ASP A 99 -20.85 32.44 3.37
N VAL A 100 -21.81 33.35 3.21
CA VAL A 100 -22.98 33.09 2.37
C VAL A 100 -22.59 33.23 0.91
N ALA A 101 -21.77 34.23 0.62
CA ALA A 101 -21.29 34.46 -0.74
C ALA A 101 -20.50 33.25 -1.23
N LEU A 102 -19.82 32.58 -0.30
CA LEU A 102 -19.04 31.40 -0.64
C LEU A 102 -19.94 30.24 -1.06
N LYS A 103 -21.06 30.08 -0.36
CA LYS A 103 -21.99 29.00 -0.66
C LYS A 103 -22.84 29.30 -1.89
N ARG A 104 -23.06 30.59 -2.15
CA ARG A 104 -23.84 31.01 -3.32
C ARG A 104 -22.97 31.00 -4.57
N LEU A 105 -21.66 31.03 -4.39
CA LEU A 105 -20.72 31.03 -5.51
C LEU A 105 -20.24 29.61 -5.84
N GLN A 106 -19.93 28.83 -4.80
CA GLN A 106 -19.57 27.43 -4.99
C GLN A 106 -20.76 26.68 -5.57
N THR A 107 -21.91 27.34 -5.60
CA THR A 107 -23.12 26.80 -6.21
C THR A 107 -23.33 27.47 -7.56
N GLY A 108 -22.65 28.59 -7.77
CA GLY A 108 -22.79 29.37 -8.98
C GLY A 108 -22.35 28.64 -10.24
N ARG A 109 -21.07 28.28 -10.31
CA ARG A 109 -20.51 27.68 -11.51
C ARG A 109 -20.79 28.54 -12.74
N GLU A 110 -21.58 27.99 -13.66
CA GLU A 110 -21.90 28.67 -14.92
C GLU A 110 -22.89 29.81 -14.70
N ARG A 111 -23.61 29.77 -13.58
CA ARG A 111 -24.57 30.80 -13.24
C ARG A 111 -23.89 32.16 -13.21
N LEU A 112 -24.57 33.19 -13.69
CA LEU A 112 -24.01 34.53 -13.76
C LEU A 112 -24.54 35.45 -12.66
N PHE A 113 -23.64 36.06 -11.92
CA PHE A 113 -24.02 37.00 -10.87
C PHE A 113 -24.24 38.40 -11.41
N THR A 114 -25.43 38.93 -11.20
CA THR A 114 -25.75 40.30 -11.59
C THR A 114 -24.71 41.25 -11.00
N THR A 115 -24.39 42.30 -11.74
CA THR A 115 -23.35 43.24 -11.29
C THR A 115 -23.65 44.67 -11.71
N THR A 116 -23.08 45.62 -10.99
CA THR A 116 -23.25 47.03 -11.28
C THR A 116 -21.94 47.79 -11.10
N ASP A 117 -21.84 48.93 -11.76
CA ASP A 117 -20.67 49.81 -11.65
C ASP A 117 -21.13 51.15 -11.12
N GLU A 118 -20.21 51.90 -10.51
CA GLU A 118 -20.50 53.26 -10.09
C GLU A 118 -21.06 54.05 -11.28
N LYS A 119 -20.45 53.84 -12.44
CA LYS A 119 -20.96 54.41 -13.68
C LYS A 119 -22.06 53.49 -14.22
N GLY A 120 -22.75 53.94 -15.27
CA GLY A 120 -23.84 53.18 -15.84
C GLY A 120 -23.51 51.75 -16.17
N ASN A 121 -22.35 51.54 -16.80
CA ASN A 121 -21.93 50.23 -17.27
C ASN A 121 -22.19 49.10 -16.28
N ARG A 122 -22.83 48.04 -16.75
CA ARG A 122 -23.11 46.88 -15.91
C ARG A 122 -22.48 45.64 -16.50
N GLU A 123 -21.70 44.92 -15.71
CA GLU A 123 -20.98 43.74 -16.20
C GLU A 123 -21.46 42.46 -15.53
N LEU A 124 -20.85 41.34 -15.91
CA LEU A 124 -21.19 40.05 -15.32
C LEU A 124 -19.96 39.14 -15.21
N LYS A 125 -19.99 38.23 -14.26
CA LYS A 125 -18.94 37.24 -14.10
C LYS A 125 -19.50 35.97 -13.45
N LYS A 126 -19.35 34.86 -14.14
CA LYS A 126 -19.91 33.58 -13.70
C LYS A 126 -19.56 33.27 -12.25
N GLY A 127 -20.31 32.35 -11.64
CA GLY A 127 -20.13 31.99 -10.25
C GLY A 127 -18.68 31.77 -9.86
N ASP A 128 -18.11 30.66 -10.30
CA ASP A 128 -16.73 30.33 -9.97
C ASP A 128 -15.75 31.37 -10.50
N ALA A 129 -16.15 32.06 -11.56
CA ALA A 129 -15.31 33.11 -12.14
C ALA A 129 -15.07 34.22 -11.12
N ILE A 130 -15.95 34.32 -10.14
CA ILE A 130 -15.82 35.32 -9.08
C ILE A 130 -14.91 34.80 -7.97
N LEU A 131 -15.10 33.53 -7.60
CA LEU A 131 -14.40 32.96 -6.47
C LEU A 131 -12.89 32.91 -6.68
N GLU A 132 -12.46 32.62 -7.90
CA GLU A 132 -11.03 32.53 -8.19
C GLU A 132 -10.35 33.90 -8.17
N SER A 133 -11.04 34.91 -8.69
CA SER A 133 -10.49 36.26 -8.71
C SER A 133 -10.31 36.81 -7.30
N ALA A 134 -11.22 36.44 -6.41
CA ALA A 134 -11.11 36.82 -5.00
C ALA A 134 -9.91 36.12 -4.37
N ILE A 135 -9.81 34.82 -4.63
CA ILE A 135 -8.69 34.02 -4.15
C ILE A 135 -7.37 34.55 -4.72
N ASN A 136 -7.39 34.86 -6.01
CA ASN A 136 -6.20 35.35 -6.70
C ASN A 136 -5.71 36.67 -6.12
N ALA A 137 -6.65 37.54 -5.79
CA ALA A 137 -6.31 38.84 -5.20
C ALA A 137 -5.59 38.64 -3.88
N ALA A 138 -6.08 37.69 -3.09
CA ALA A 138 -5.47 37.38 -1.80
C ALA A 138 -4.06 36.83 -2.01
N ARG A 139 -3.90 35.98 -3.00
CA ARG A 139 -2.60 35.37 -3.29
C ARG A 139 -1.54 36.41 -3.65
N MET A 140 -1.90 37.35 -4.51
CA MET A 140 -0.96 38.35 -5.00
C MET A 140 -0.61 39.39 -3.95
N ALA A 141 -1.34 39.38 -2.84
CA ALA A 141 -1.15 40.39 -1.81
C ALA A 141 -0.16 39.97 -0.72
N ILE A 142 0.32 38.73 -0.79
CA ILE A 142 1.15 38.19 0.28
C ILE A 142 2.50 37.66 -0.21
N SER A 143 3.49 37.70 0.68
CA SER A 143 4.79 37.12 0.39
C SER A 143 4.87 35.70 0.92
N THR A 144 5.93 34.99 0.58
CA THR A 144 6.11 33.62 1.02
C THR A 144 6.09 33.52 2.54
N GLU A 145 6.85 34.37 3.21
CA GLU A 145 6.95 34.30 4.66
C GLU A 145 5.71 34.86 5.35
N GLU A 146 4.79 35.43 4.57
CA GLU A 146 3.49 35.77 5.09
C GLU A 146 2.61 34.53 5.04
N LYS A 147 2.75 33.76 3.98
CA LYS A 147 2.02 32.51 3.82
C LYS A 147 2.28 31.57 5.00
N ASN A 148 3.52 31.54 5.48
CA ASN A 148 3.88 30.69 6.60
C ASN A 148 3.13 31.09 7.87
N THR A 149 3.03 32.40 8.11
CA THR A 149 2.33 32.91 9.27
C THR A 149 0.85 32.58 9.19
N ILE A 150 0.28 32.73 7.99
CA ILE A 150 -1.12 32.41 7.77
C ILE A 150 -1.39 30.92 8.00
N LEU A 151 -0.61 30.07 7.33
CA LEU A 151 -0.75 28.63 7.47
C LEU A 151 -0.63 28.20 8.94
N SER A 152 0.29 28.82 9.66
CA SER A 152 0.51 28.51 11.06
C SER A 152 0.83 27.04 11.27
N ASN A 153 -0.05 26.31 11.94
CA ASN A 153 0.17 24.90 12.22
C ASN A 153 -0.11 24.03 10.99
N ASN A 154 -0.88 24.57 10.06
CA ASN A 154 -1.23 23.86 8.84
C ASN A 154 -0.08 23.79 7.83
N VAL A 155 1.00 24.51 8.13
CA VAL A 155 2.18 24.48 7.26
C VAL A 155 2.69 23.05 7.18
N LYS A 156 2.45 22.28 8.24
CA LYS A 156 2.89 20.90 8.30
C LYS A 156 2.38 20.10 7.10
N SER A 157 1.06 20.04 6.95
CA SER A 157 0.46 19.23 5.89
C SER A 157 0.52 19.90 4.52
N ALA A 158 0.47 21.23 4.50
CA ALA A 158 0.57 21.99 3.26
C ALA A 158 1.89 21.73 2.56
N THR A 159 2.98 21.86 3.30
CA THR A 159 4.29 21.58 2.72
C THR A 159 4.50 20.09 2.43
N PHE A 160 3.90 19.22 3.25
CA PHE A 160 4.07 17.79 3.05
C PHE A 160 3.38 17.34 1.77
N GLU A 161 2.23 17.95 1.47
CA GLU A 161 1.52 17.65 0.23
C GLU A 161 2.33 18.06 -1.00
N VAL A 162 3.14 19.11 -0.88
CA VAL A 162 4.02 19.51 -1.96
C VAL A 162 5.20 18.55 -2.08
N PHE A 163 5.78 18.20 -0.95
CA PHE A 163 6.88 17.25 -0.91
C PHE A 163 6.49 15.94 -1.61
N CYS A 164 5.26 15.51 -1.40
CA CYS A 164 4.79 14.24 -1.96
C CYS A 164 4.56 14.24 -3.47
N GLU A 165 4.48 15.43 -4.06
CA GLU A 165 4.27 15.53 -5.51
C GLU A 165 5.58 15.51 -6.31
N LEU A 166 6.71 15.68 -5.62
CA LEU A 166 8.01 15.62 -6.27
C LEU A 166 8.26 14.25 -6.91
N PRO A 167 8.91 14.24 -8.08
CA PRO A 167 9.28 13.01 -8.79
C PRO A 167 10.02 12.00 -7.90
N CYS A 168 10.91 12.48 -7.02
CA CYS A 168 11.68 11.58 -6.18
C CYS A 168 10.81 10.85 -5.16
N MET A 169 9.65 11.43 -4.86
CA MET A 169 8.78 10.87 -3.84
C MET A 169 7.75 9.95 -4.48
N ASP A 170 7.83 9.79 -5.79
CA ASP A 170 6.86 8.98 -6.53
C ASP A 170 7.04 7.49 -6.25
N GLY A 171 5.95 6.81 -5.90
CA GLY A 171 6.00 5.39 -5.62
C GLY A 171 6.64 5.04 -4.28
N PHE A 172 6.77 6.04 -3.41
CA PHE A 172 7.41 5.82 -2.12
C PHE A 172 6.64 4.81 -1.28
N ALA A 173 5.33 4.98 -1.20
CA ALA A 173 4.50 4.12 -0.37
C ALA A 173 4.43 2.71 -0.93
N GLU A 174 4.37 2.60 -2.25
CA GLU A 174 4.34 1.31 -2.93
C GLU A 174 5.62 0.52 -2.70
N GLN A 175 6.75 1.21 -2.74
CA GLN A 175 8.03 0.55 -2.59
C GLN A 175 8.37 0.28 -1.13
N ASN A 176 8.08 1.27 -0.27
CA ASN A 176 8.46 1.16 1.14
C ASN A 176 7.34 0.73 2.08
N GLY A 177 6.09 0.84 1.62
CA GLY A 177 4.95 0.47 2.44
C GLY A 177 4.24 1.67 3.05
N LYS A 178 2.95 1.53 3.30
CA LYS A 178 2.16 2.59 3.92
C LYS A 178 2.66 2.98 5.31
N THR A 179 3.09 2.00 6.10
CA THR A 179 3.60 2.29 7.45
C THR A 179 4.79 3.26 7.42
N ALA A 180 5.81 2.92 6.65
CA ALA A 180 7.00 3.77 6.51
C ALA A 180 6.63 5.15 5.96
N PHE A 181 5.65 5.20 5.06
CA PHE A 181 5.17 6.48 4.54
C PHE A 181 4.53 7.33 5.64
N TYR A 182 3.72 6.69 6.49
CA TYR A 182 3.07 7.37 7.60
C TYR A 182 4.06 7.82 8.66
N ALA A 183 5.10 7.01 8.88
CA ALA A 183 6.22 7.41 9.73
C ALA A 183 6.98 8.61 9.16
N LEU A 184 7.21 8.61 7.85
CA LEU A 184 7.85 9.76 7.21
C LEU A 184 7.02 11.01 7.47
N ARG A 185 5.72 10.93 7.20
CA ARG A 185 4.83 12.05 7.48
C ARG A 185 4.96 12.50 8.93
N ALA A 186 4.92 11.54 9.86
CA ALA A 186 5.04 11.85 11.28
C ALA A 186 6.36 12.56 11.58
N GLY A 187 7.45 12.04 11.03
CA GLY A 187 8.75 12.67 11.20
C GLY A 187 8.76 14.08 10.60
N PHE A 188 8.12 14.21 9.43
CA PHE A 188 8.05 15.48 8.72
C PHE A 188 7.30 16.51 9.56
N TYR A 189 6.13 16.14 10.07
CA TYR A 189 5.34 17.03 10.91
C TYR A 189 6.09 17.47 12.16
N SER A 190 6.67 16.51 12.87
CA SER A 190 7.31 16.78 14.15
C SER A 190 8.55 17.66 14.00
N ALA A 191 9.13 17.66 12.81
CA ALA A 191 10.31 18.49 12.54
C ALA A 191 9.99 19.97 12.76
N PHE A 192 8.71 20.32 12.67
CA PHE A 192 8.26 21.68 12.89
C PHE A 192 8.13 21.99 14.38
N LYS A 193 9.05 22.81 14.89
CA LYS A 193 9.08 23.13 16.33
C LYS A 193 8.32 24.42 16.65
N ASN A 194 8.70 25.51 16.00
CA ASN A 194 8.01 26.79 16.15
C ASN A 194 7.71 27.42 14.80
N THR A 195 6.55 28.08 14.71
CA THR A 195 6.12 28.68 13.45
C THR A 195 7.15 29.66 12.87
N ASP A 196 8.01 30.17 13.74
CA ASP A 196 9.01 31.16 13.33
C ASP A 196 10.26 30.48 12.78
N THR A 197 10.51 29.24 13.20
CA THR A 197 11.67 28.49 12.74
C THR A 197 11.27 27.40 11.76
N ALA A 198 10.03 27.46 11.29
CA ALA A 198 9.48 26.46 10.38
C ALA A 198 10.46 26.10 9.27
N LYS A 199 11.02 27.12 8.62
CA LYS A 199 11.89 26.90 7.47
C LYS A 199 13.21 26.27 7.88
N GLN A 200 13.85 26.82 8.91
CA GLN A 200 15.11 26.27 9.40
C GLN A 200 14.94 24.83 9.87
N ASP A 201 13.81 24.56 10.53
CA ASP A 201 13.56 23.24 11.11
C ASP A 201 13.37 22.17 10.04
N ILE A 202 12.52 22.46 9.06
CA ILE A 202 12.24 21.50 8.00
C ILE A 202 13.46 21.29 7.11
N THR A 203 14.28 22.34 6.97
CA THR A 203 15.52 22.25 6.20
C THR A 203 16.47 21.21 6.78
N LYS A 204 16.60 21.21 8.10
CA LYS A 204 17.45 20.24 8.79
C LYS A 204 16.92 18.82 8.61
N PHE A 205 15.61 18.65 8.78
CA PHE A 205 14.99 17.35 8.55
C PHE A 205 15.34 16.85 7.16
N MET A 206 15.20 17.73 6.17
CA MET A 206 15.46 17.37 4.78
C MET A 206 16.94 17.05 4.59
N LYS A 207 17.79 17.87 5.17
CA LYS A 207 19.24 17.69 5.03
C LYS A 207 19.67 16.34 5.60
N ASP A 208 19.23 16.04 6.82
CA ASP A 208 19.57 14.78 7.48
C ASP A 208 19.13 13.58 6.65
N ASN A 209 17.87 13.60 6.19
CA ASN A 209 17.34 12.48 5.42
C ASN A 209 17.93 12.37 4.02
N LEU A 210 18.16 13.50 3.37
CA LEU A 210 18.78 13.50 2.06
C LEU A 210 20.20 12.94 2.15
N GLN A 211 20.90 13.28 3.22
CA GLN A 211 22.22 12.74 3.46
C GLN A 211 22.14 11.21 3.52
N ALA A 212 21.08 10.71 4.12
CA ALA A 212 20.90 9.26 4.32
C ALA A 212 20.13 8.62 3.17
N GLY A 213 19.72 9.43 2.19
CA GLY A 213 18.90 8.93 1.10
C GLY A 213 17.53 8.45 1.57
N PHE A 214 17.10 8.93 2.73
CA PHE A 214 15.82 8.51 3.29
C PHE A 214 15.78 7.00 3.59
N SER A 215 16.96 6.42 3.79
CA SER A 215 17.08 4.98 3.99
C SER A 215 16.57 4.54 5.37
N GLY A 216 16.26 5.50 6.22
CA GLY A 216 15.66 5.20 7.50
C GLY A 216 14.23 4.72 7.34
N TYR A 217 13.72 4.81 6.11
CA TYR A 217 12.32 4.47 5.82
C TYR A 217 12.19 3.35 4.80
N SER A 218 13.27 2.60 4.57
CA SER A 218 13.25 1.54 3.58
C SER A 218 13.63 0.22 4.19
N TYR A 219 13.17 -0.86 3.59
CA TYR A 219 13.52 -2.21 4.03
C TYR A 219 15.03 -2.41 4.05
N GLN A 220 15.68 -2.12 2.93
CA GLN A 220 17.13 -2.33 2.82
C GLN A 220 17.91 -1.42 3.76
N GLY A 221 17.54 -0.15 3.83
CA GLY A 221 18.19 0.77 4.75
C GLY A 221 18.13 0.27 6.18
N LEU A 222 16.93 -0.10 6.64
CA LEU A 222 16.77 -0.55 8.03
C LEU A 222 17.46 -1.88 8.30
N THR A 223 17.40 -2.80 7.35
CA THR A 223 18.07 -4.09 7.52
C THR A 223 19.58 -3.90 7.51
N ASN A 224 20.07 -2.94 6.74
CA ASN A 224 21.49 -2.61 6.75
C ASN A 224 21.89 -2.04 8.09
N ARG A 225 21.05 -1.17 8.63
CA ARG A 225 21.28 -0.56 9.93
C ARG A 225 21.33 -1.60 11.05
N VAL A 226 20.35 -2.50 11.08
CA VAL A 226 20.34 -3.58 12.07
C VAL A 226 21.63 -4.40 12.01
N ALA A 227 22.08 -4.67 10.79
CA ALA A 227 23.24 -5.53 10.57
C ALA A 227 24.53 -4.96 11.16
N GLN A 228 24.85 -3.71 10.79
CA GLN A 228 26.08 -3.09 11.26
C GLN A 228 26.04 -2.80 12.76
N LEU A 229 24.87 -2.49 13.30
CA LEU A 229 24.73 -2.31 14.75
C LEU A 229 24.95 -3.64 15.49
N GLU A 230 24.46 -4.73 14.91
CA GLU A 230 24.70 -6.06 15.49
C GLU A 230 26.19 -6.41 15.42
N ALA A 231 26.87 -5.93 14.40
CA ALA A 231 28.31 -6.14 14.27
C ALA A 231 29.04 -5.34 15.33
N GLN A 232 28.63 -4.09 15.51
CA GLN A 232 29.21 -3.23 16.53
C GLN A 232 29.01 -3.83 17.92
N LEU A 233 27.78 -4.19 18.24
CA LEU A 233 27.45 -4.74 19.54
C LEU A 233 28.26 -6.00 19.87
N ALA A 234 28.32 -6.92 18.91
CA ALA A 234 29.06 -8.17 19.11
C ALA A 234 30.55 -7.91 19.29
N ALA A 235 31.09 -7.00 18.49
CA ALA A 235 32.50 -6.66 18.56
C ALA A 235 32.86 -6.16 19.96
N LEU A 236 32.01 -5.28 20.50
CA LEU A 236 32.27 -4.65 21.79
C LEU A 236 31.91 -5.56 22.96
N SER A 237 31.07 -6.55 22.69
CA SER A 237 30.69 -7.51 23.73
C SER A 237 31.79 -8.55 23.92
N ALA A 238 32.37 -8.99 22.81
CA ALA A 238 33.46 -9.96 22.84
C ALA A 238 34.63 -9.44 23.65
N LYS A 239 34.70 -8.12 23.83
CA LYS A 239 35.75 -7.50 24.61
C LYS A 239 35.79 -8.05 26.03
N LEU A 240 34.77 -8.82 26.38
CA LEU A 240 34.67 -9.39 27.72
C LEU A 240 35.03 -10.88 27.72
N GLY B 1 -7.65 -27.00 7.03
CA GLY B 1 -6.67 -26.47 7.97
C GLY B 1 -7.31 -25.80 9.18
N HIS B 2 -6.63 -25.89 10.32
CA HIS B 2 -7.18 -25.39 11.58
C HIS B 2 -7.65 -23.94 11.54
N MET B 3 -8.44 -23.57 12.54
CA MET B 3 -8.99 -22.22 12.63
C MET B 3 -7.97 -21.20 13.11
N ARG B 4 -7.12 -21.60 14.04
CA ARG B 4 -6.13 -20.70 14.61
C ARG B 4 -5.15 -20.21 13.56
N LEU B 5 -4.90 -21.06 12.55
CA LEU B 5 -4.02 -20.69 11.45
C LEU B 5 -4.62 -19.52 10.67
N LEU B 6 -5.94 -19.37 10.75
CA LEU B 6 -6.64 -18.39 9.93
C LEU B 6 -6.98 -17.08 10.65
N SER B 7 -6.44 -16.88 11.84
CA SER B 7 -6.63 -15.62 12.55
C SER B 7 -5.95 -14.48 11.80
N GLU B 8 -6.61 -13.33 11.73
CA GLU B 8 -6.06 -12.17 11.05
C GLU B 8 -4.92 -11.53 11.85
N ASP B 9 -4.94 -11.72 13.17
CA ASP B 9 -3.91 -11.17 14.04
C ASP B 9 -2.90 -12.23 14.45
N LEU B 10 -2.81 -13.29 13.66
CA LEU B 10 -1.88 -14.39 13.94
C LEU B 10 -0.47 -13.90 14.22
N PHE B 11 0.04 -12.99 13.39
CA PHE B 11 1.40 -12.49 13.55
C PHE B 11 1.55 -11.69 14.84
N LYS B 12 0.44 -11.12 15.31
CA LYS B 12 0.46 -10.32 16.53
C LYS B 12 0.56 -11.19 17.77
N GLN B 13 -0.14 -12.32 17.77
N GLN B 13 -0.15 -12.32 17.78
CA GLN B 13 -0.24 -13.16 18.95
CA GLN B 13 -0.22 -13.16 18.97
C GLN B 13 0.80 -14.28 18.98
C GLN B 13 0.78 -14.31 18.98
N SER B 14 1.34 -14.62 17.80
CA SER B 14 2.31 -15.71 17.71
C SER B 14 3.50 -15.56 18.68
N PRO B 15 4.08 -14.35 18.78
CA PRO B 15 5.20 -14.18 19.70
C PRO B 15 4.79 -14.28 21.17
N LYS B 16 3.50 -14.19 21.45
CA LYS B 16 3.00 -14.33 22.81
C LYS B 16 2.73 -15.79 23.15
N LEU B 17 3.14 -16.70 22.26
CA LEU B 17 2.92 -18.12 22.48
C LEU B 17 4.07 -18.78 23.23
N SER B 18 3.81 -19.97 23.75
CA SER B 18 4.86 -20.77 24.38
C SER B 18 5.59 -21.56 23.32
N GLU B 19 6.85 -21.89 23.59
CA GLU B 19 7.67 -22.62 22.62
C GLU B 19 7.06 -23.97 22.29
N GLN B 20 6.04 -24.36 23.06
CA GLN B 20 5.30 -25.59 22.80
C GLN B 20 4.19 -25.30 21.80
N GLU B 21 3.38 -24.28 22.11
CA GLU B 21 2.29 -23.87 21.21
C GLU B 21 2.84 -23.37 19.88
N LEU B 22 4.03 -22.78 19.90
CA LEU B 22 4.63 -22.23 18.70
C LEU B 22 5.03 -23.33 17.71
N ASP B 23 5.64 -24.39 18.24
CA ASP B 23 6.01 -25.54 17.41
C ASP B 23 4.78 -26.15 16.77
N GLU B 24 3.71 -26.27 17.56
CA GLU B 24 2.46 -26.84 17.08
C GLU B 24 1.90 -26.00 15.94
N LEU B 25 1.83 -24.70 16.16
CA LEU B 25 1.32 -23.77 15.16
C LEU B 25 2.11 -23.82 13.86
N ALA B 26 3.44 -23.88 13.97
CA ALA B 26 4.31 -23.86 12.79
C ALA B 26 4.16 -25.15 11.98
N ASN B 27 4.11 -26.28 12.67
CA ASN B 27 3.90 -27.56 12.01
C ASN B 27 2.55 -27.60 11.33
N ASN B 28 1.53 -27.08 12.00
CA ASN B 28 0.18 -27.01 11.43
C ASN B 28 0.12 -26.07 10.25
N LEU B 29 0.81 -24.93 10.35
CA LEU B 29 0.84 -23.97 9.25
C LEU B 29 1.49 -24.61 8.04
N ALA B 30 2.62 -25.28 8.27
CA ALA B 30 3.31 -25.98 7.20
C ALA B 30 2.36 -26.99 6.55
N ASP B 31 1.82 -27.89 7.35
CA ASP B 31 0.88 -28.90 6.87
C ASP B 31 -0.20 -28.26 6.00
N TYR B 32 -0.75 -27.15 6.47
CA TYR B 32 -1.80 -26.45 5.74
C TYR B 32 -1.30 -25.94 4.39
N LEU B 33 -0.07 -25.45 4.35
CA LEU B 33 0.48 -24.93 3.09
C LEU B 33 0.54 -26.01 2.02
N PHE B 34 1.08 -27.18 2.38
CA PHE B 34 1.18 -28.29 1.43
C PHE B 34 -0.21 -28.81 1.04
N GLN B 35 -1.10 -28.93 2.01
CA GLN B 35 -2.44 -29.45 1.75
C GLN B 35 -3.21 -28.57 0.77
N ALA B 36 -3.07 -27.26 0.93
CA ALA B 36 -3.86 -26.31 0.12
C ALA B 36 -3.16 -25.88 -1.17
N ALA B 37 -1.91 -26.29 -1.34
CA ALA B 37 -1.18 -25.93 -2.55
C ALA B 37 -1.94 -26.37 -3.79
N ASP B 38 -2.00 -25.50 -4.79
CA ASP B 38 -2.75 -25.79 -5.99
C ASP B 38 -1.83 -26.23 -7.13
N ILE B 39 -2.43 -26.82 -8.16
CA ILE B 39 -1.71 -27.14 -9.39
C ILE B 39 -2.50 -26.58 -10.56
N ASP B 40 -1.93 -26.63 -11.76
CA ASP B 40 -2.61 -26.12 -12.94
C ASP B 40 -3.60 -27.16 -13.46
N TRP B 41 -4.77 -27.20 -12.83
CA TRP B 41 -5.78 -28.20 -13.16
C TRP B 41 -6.18 -28.18 -14.63
N HIS B 42 -6.34 -26.98 -15.19
CA HIS B 42 -6.66 -26.86 -16.61
C HIS B 42 -5.66 -27.65 -17.44
N GLN B 43 -4.40 -27.67 -16.99
CA GLN B 43 -3.34 -28.36 -17.70
C GLN B 43 -3.28 -29.85 -17.40
N VAL B 44 -3.33 -30.21 -16.12
CA VAL B 44 -3.16 -31.62 -15.74
C VAL B 44 -4.37 -32.49 -16.04
N ILE B 45 -5.56 -31.88 -16.03
CA ILE B 45 -6.77 -32.61 -16.41
C ILE B 45 -6.78 -32.84 -17.92
N SER B 46 -6.53 -31.77 -18.67
CA SER B 46 -6.47 -31.84 -20.13
C SER B 46 -5.48 -32.90 -20.57
N GLU B 47 -4.30 -32.90 -19.95
CA GLU B 47 -3.28 -33.90 -20.24
C GLU B 47 -3.75 -35.32 -19.94
N LYS B 48 -4.55 -35.47 -18.89
CA LYS B 48 -4.99 -36.79 -18.45
C LYS B 48 -6.17 -37.32 -19.26
N THR B 49 -6.76 -36.47 -20.10
CA THR B 49 -8.00 -36.83 -20.77
C THR B 49 -7.98 -36.72 -22.29
N ARG B 50 -7.22 -35.75 -22.81
CA ARG B 50 -7.17 -35.52 -24.25
C ARG B 50 -6.98 -36.81 -25.05
N GLY B 51 -7.95 -37.12 -25.91
CA GLY B 51 -7.89 -38.31 -26.73
C GLY B 51 -8.81 -39.42 -26.26
N LEU B 52 -9.46 -39.22 -25.12
CA LEU B 52 -10.33 -40.24 -24.53
C LEU B 52 -11.83 -39.89 -24.65
N THR B 53 -12.67 -40.91 -24.58
CA THR B 53 -14.11 -40.72 -24.69
C THR B 53 -14.71 -40.20 -23.38
N THR B 54 -16.00 -39.86 -23.41
CA THR B 54 -16.69 -39.38 -22.22
C THR B 54 -16.75 -40.46 -21.15
N GLU B 55 -17.03 -41.69 -21.55
CA GLU B 55 -17.10 -42.80 -20.62
C GLU B 55 -15.71 -43.17 -20.10
N GLU B 56 -14.73 -43.16 -21.00
CA GLU B 56 -13.35 -43.43 -20.62
C GLU B 56 -12.88 -42.47 -19.53
N MET B 57 -13.23 -41.19 -19.69
CA MET B 57 -12.92 -40.18 -18.69
C MET B 57 -13.65 -40.45 -17.38
N ALA B 58 -14.81 -41.09 -17.49
CA ALA B 58 -15.70 -41.28 -16.33
C ALA B 58 -15.20 -42.36 -15.37
N LYS B 59 -14.38 -43.28 -15.85
CA LYS B 59 -13.87 -44.35 -14.99
C LYS B 59 -12.36 -44.48 -15.05
N SER B 60 -11.67 -43.34 -15.05
CA SER B 60 -10.22 -43.32 -15.07
C SER B 60 -9.63 -43.78 -13.74
N GLU B 61 -8.37 -44.22 -13.78
CA GLU B 61 -7.68 -44.65 -12.56
C GLU B 61 -7.37 -43.47 -11.65
N HIS B 62 -7.51 -42.27 -12.20
CA HIS B 62 -7.34 -41.05 -11.42
C HIS B 62 -8.68 -40.58 -10.85
N ARG B 63 -8.83 -40.73 -9.54
CA ARG B 63 -10.06 -40.33 -8.87
C ARG B 63 -10.34 -38.85 -9.13
N TYR B 64 -9.28 -38.05 -9.22
CA TYR B 64 -9.44 -36.61 -9.38
C TYR B 64 -9.92 -36.19 -10.78
N VAL B 65 -9.59 -36.98 -11.79
CA VAL B 65 -10.12 -36.69 -13.13
C VAL B 65 -11.57 -37.18 -13.20
N GLN B 66 -11.84 -38.26 -12.49
CA GLN B 66 -13.17 -38.83 -12.42
C GLN B 66 -14.13 -37.82 -11.81
N ALA B 67 -13.70 -37.18 -10.72
CA ALA B 67 -14.49 -36.18 -10.04
C ALA B 67 -14.65 -34.94 -10.91
N PHE B 68 -13.60 -34.60 -11.63
CA PHE B 68 -13.61 -33.43 -12.50
C PHE B 68 -14.64 -33.61 -13.61
N CYS B 69 -14.53 -34.71 -14.34
CA CYS B 69 -15.42 -34.97 -15.46
C CYS B 69 -16.86 -35.16 -15.02
N ARG B 70 -17.05 -35.78 -13.86
CA ARG B 70 -18.39 -36.00 -13.32
C ARG B 70 -19.16 -34.68 -13.23
N GLU B 71 -18.48 -33.64 -12.75
CA GLU B 71 -19.07 -32.31 -12.68
C GLU B 71 -19.35 -31.73 -14.07
N ILE B 72 -18.37 -31.85 -14.95
CA ILE B 72 -18.45 -31.28 -16.30
C ILE B 72 -19.56 -31.92 -17.13
N LEU B 73 -19.70 -33.24 -17.02
CA LEU B 73 -20.61 -33.98 -17.89
C LEU B 73 -22.09 -33.78 -17.54
N LYS B 74 -22.36 -33.11 -16.43
CA LYS B 74 -23.74 -32.82 -16.04
C LYS B 74 -24.37 -31.82 -17.00
N TYR B 75 -23.54 -31.02 -17.65
CA TYR B 75 -24.00 -29.96 -18.54
C TYR B 75 -23.61 -30.28 -19.98
N PRO B 76 -24.44 -31.08 -20.66
CA PRO B 76 -24.18 -31.57 -22.01
C PRO B 76 -23.89 -30.44 -22.99
N ASP B 77 -24.61 -29.34 -22.84
CA ASP B 77 -24.47 -28.20 -23.74
C ASP B 77 -23.17 -27.43 -23.53
N CYS B 78 -22.27 -28.02 -22.74
CA CYS B 78 -20.98 -27.40 -22.46
C CYS B 78 -19.83 -28.12 -23.18
N TYR B 79 -20.05 -29.37 -23.55
CA TYR B 79 -19.01 -30.17 -24.20
C TYR B 79 -19.49 -30.80 -25.50
N LYS B 80 -20.77 -31.14 -25.57
CA LYS B 80 -21.34 -31.79 -26.75
C LYS B 80 -21.31 -30.88 -27.98
N SER B 81 -20.47 -31.23 -28.94
CA SER B 81 -20.37 -30.46 -30.18
C SER B 81 -21.38 -30.95 -31.21
N SER B 96 -10.86 -32.26 -28.06
CA SER B 96 -11.53 -33.19 -27.16
C SER B 96 -12.63 -32.51 -26.36
N VAL B 97 -13.45 -33.30 -25.68
CA VAL B 97 -14.54 -32.76 -24.88
C VAL B 97 -14.01 -31.89 -23.73
N ILE B 98 -12.96 -32.36 -23.07
CA ILE B 98 -12.35 -31.61 -21.98
C ILE B 98 -11.87 -30.25 -22.45
N ASP B 99 -11.22 -30.22 -23.60
CA ASP B 99 -10.70 -28.98 -24.15
C ASP B 99 -11.84 -28.09 -24.65
N VAL B 100 -12.89 -28.72 -25.16
CA VAL B 100 -14.06 -27.99 -25.64
C VAL B 100 -14.76 -27.32 -24.46
N ALA B 101 -15.02 -28.10 -23.41
CA ALA B 101 -15.68 -27.58 -22.23
C ALA B 101 -14.86 -26.46 -21.59
N LEU B 102 -13.56 -26.67 -21.48
CA LEU B 102 -12.67 -25.65 -20.94
C LEU B 102 -12.79 -24.35 -21.71
N LYS B 103 -12.83 -24.46 -23.03
CA LYS B 103 -13.05 -23.31 -23.88
C LYS B 103 -14.41 -22.68 -23.59
N ARG B 104 -15.47 -23.44 -23.79
CA ARG B 104 -16.84 -22.93 -23.67
C ARG B 104 -17.19 -22.38 -22.29
N LEU B 105 -16.66 -23.00 -21.24
CA LEU B 105 -16.96 -22.56 -19.88
C LEU B 105 -16.33 -21.21 -19.56
N GLN B 106 -15.07 -21.04 -19.96
CA GLN B 106 -14.36 -19.79 -19.71
C GLN B 106 -14.83 -18.71 -20.67
N THR B 107 -14.94 -19.07 -21.94
CA THR B 107 -15.48 -18.16 -22.95
C THR B 107 -16.92 -17.84 -22.63
N GLY B 108 -17.56 -18.72 -21.86
CA GLY B 108 -18.97 -18.57 -21.54
C GLY B 108 -19.24 -18.32 -20.08
N ARG B 109 -18.24 -17.81 -19.35
CA ARG B 109 -18.46 -17.42 -17.98
C ARG B 109 -19.58 -16.37 -17.93
N GLU B 110 -20.55 -16.56 -17.05
CA GLU B 110 -21.72 -15.69 -16.96
C GLU B 110 -22.79 -16.07 -17.98
N ARG B 111 -22.46 -17.03 -18.84
CA ARG B 111 -23.45 -17.65 -19.71
C ARG B 111 -24.02 -18.85 -18.97
N LEU B 112 -25.34 -19.00 -18.99
CA LEU B 112 -25.99 -20.04 -18.20
C LEU B 112 -26.11 -21.38 -18.93
N PHE B 113 -25.51 -22.41 -18.34
CA PHE B 113 -25.58 -23.77 -18.89
C PHE B 113 -26.71 -24.55 -18.23
N THR B 114 -27.15 -25.62 -18.91
CA THR B 114 -28.31 -26.37 -18.45
C THR B 114 -27.96 -27.80 -18.03
N THR B 115 -28.52 -28.22 -16.90
CA THR B 115 -28.44 -29.60 -16.44
C THR B 115 -29.82 -30.04 -15.98
N THR B 116 -29.93 -31.29 -15.53
CA THR B 116 -31.16 -31.77 -14.94
C THR B 116 -30.97 -32.16 -13.47
N ASP B 117 -31.81 -31.56 -12.63
CA ASP B 117 -31.77 -31.79 -11.19
C ASP B 117 -32.00 -33.26 -10.85
N GLU B 118 -31.71 -33.63 -9.61
CA GLU B 118 -31.98 -34.98 -9.12
C GLU B 118 -33.48 -35.26 -9.12
N LYS B 119 -34.28 -34.22 -8.92
CA LYS B 119 -35.73 -34.35 -8.88
C LYS B 119 -36.35 -34.18 -10.27
N GLY B 120 -35.51 -34.11 -11.29
CA GLY B 120 -35.98 -34.02 -12.66
C GLY B 120 -36.30 -32.60 -13.08
N ASN B 121 -35.99 -31.63 -12.23
CA ASN B 121 -36.16 -30.22 -12.57
C ASN B 121 -35.00 -29.69 -13.40
N ARG B 122 -35.25 -28.59 -14.11
CA ARG B 122 -34.22 -27.96 -14.91
C ARG B 122 -33.41 -27.04 -14.02
N GLU B 123 -32.10 -26.99 -14.25
CA GLU B 123 -31.22 -26.16 -13.44
C GLU B 123 -30.19 -25.45 -14.31
N LEU B 124 -30.01 -24.16 -14.07
CA LEU B 124 -29.02 -23.36 -14.80
C LEU B 124 -27.88 -22.95 -13.87
N LYS B 125 -26.66 -22.99 -14.39
CA LYS B 125 -25.49 -22.64 -13.60
C LYS B 125 -24.40 -21.97 -14.43
N LYS B 126 -23.93 -20.83 -13.97
CA LYS B 126 -22.92 -20.05 -14.69
C LYS B 126 -21.68 -20.90 -15.01
N GLY B 127 -21.14 -20.71 -16.21
CA GLY B 127 -19.98 -21.45 -16.66
C GLY B 127 -18.81 -21.43 -15.70
N ASP B 128 -18.58 -20.29 -15.08
CA ASP B 128 -17.45 -20.14 -14.16
C ASP B 128 -17.66 -20.91 -12.86
N ALA B 129 -18.90 -20.92 -12.37
CA ALA B 129 -19.24 -21.71 -11.19
C ALA B 129 -19.09 -23.20 -11.50
N ILE B 130 -19.47 -23.58 -12.71
CA ILE B 130 -19.31 -24.97 -13.17
C ILE B 130 -17.85 -25.39 -13.16
N LEU B 131 -16.97 -24.50 -13.63
CA LEU B 131 -15.54 -24.79 -13.69
C LEU B 131 -14.94 -24.88 -12.29
N GLU B 132 -15.25 -23.88 -11.45
CA GLU B 132 -14.76 -23.86 -10.08
C GLU B 132 -15.19 -25.09 -9.29
N SER B 133 -16.40 -25.57 -9.57
CA SER B 133 -16.92 -26.77 -8.92
C SER B 133 -16.16 -28.01 -9.38
N ALA B 134 -16.02 -28.16 -10.69
CA ALA B 134 -15.27 -29.26 -11.26
C ALA B 134 -13.87 -29.32 -10.67
N ILE B 135 -13.24 -28.16 -10.56
CA ILE B 135 -11.89 -28.07 -10.02
C ILE B 135 -11.87 -28.39 -8.52
N ASN B 136 -12.83 -27.86 -7.78
CA ASN B 136 -12.94 -28.16 -6.36
C ASN B 136 -13.12 -29.66 -6.11
N ALA B 137 -13.93 -30.31 -6.92
CA ALA B 137 -14.11 -31.74 -6.82
C ALA B 137 -12.80 -32.49 -7.01
N ALA B 138 -11.98 -32.02 -7.95
CA ALA B 138 -10.69 -32.66 -8.21
C ALA B 138 -9.73 -32.43 -7.03
N ARG B 139 -9.76 -31.23 -6.47
CA ARG B 139 -8.98 -30.93 -5.28
C ARG B 139 -9.35 -31.84 -4.12
N MET B 140 -10.63 -32.21 -4.04
CA MET B 140 -11.12 -33.07 -2.97
C MET B 140 -10.71 -34.52 -3.17
N ALA B 141 -10.36 -34.88 -4.41
CA ALA B 141 -10.14 -36.29 -4.74
C ALA B 141 -8.67 -36.66 -4.96
N ILE B 142 -7.76 -35.72 -4.71
CA ILE B 142 -6.34 -35.99 -4.85
C ILE B 142 -5.63 -35.95 -3.49
N SER B 143 -4.70 -36.87 -3.29
CA SER B 143 -3.91 -36.87 -2.07
C SER B 143 -2.77 -35.86 -2.17
N THR B 144 -2.30 -35.39 -1.03
CA THR B 144 -1.18 -34.47 -1.00
C THR B 144 0.06 -35.11 -1.62
N GLU B 145 0.14 -36.44 -1.55
CA GLU B 145 1.28 -37.16 -2.10
C GLU B 145 1.34 -37.04 -3.62
N GLU B 146 0.25 -37.35 -4.30
CA GLU B 146 0.22 -37.26 -5.75
C GLU B 146 0.31 -35.82 -6.23
N LYS B 147 -0.30 -34.91 -5.48
CA LYS B 147 -0.29 -33.50 -5.84
C LYS B 147 1.15 -32.96 -5.82
N ASN B 148 1.89 -33.30 -4.76
CA ASN B 148 3.29 -32.89 -4.64
C ASN B 148 4.17 -33.45 -5.76
N THR B 149 3.92 -34.70 -6.13
CA THR B 149 4.66 -35.33 -7.22
C THR B 149 4.42 -34.56 -8.52
N ILE B 150 3.19 -34.10 -8.71
CA ILE B 150 2.82 -33.33 -9.88
C ILE B 150 3.43 -31.93 -9.84
N LEU B 151 3.49 -31.37 -8.63
CA LEU B 151 4.06 -30.04 -8.45
C LEU B 151 5.57 -30.01 -8.71
N SER B 152 6.27 -31.04 -8.23
CA SER B 152 7.72 -31.11 -8.34
C SER B 152 8.37 -30.00 -7.53
N ASN B 153 9.21 -29.19 -8.15
CA ASN B 153 9.89 -28.09 -7.46
C ASN B 153 9.09 -26.79 -7.47
N ASN B 154 7.97 -26.79 -8.19
CA ASN B 154 7.06 -25.66 -8.18
C ASN B 154 6.25 -25.62 -6.89
N VAL B 155 6.56 -26.54 -5.96
CA VAL B 155 5.90 -26.57 -4.66
C VAL B 155 6.26 -25.30 -3.91
N LYS B 156 7.46 -24.79 -4.12
CA LYS B 156 7.90 -23.59 -3.44
C LYS B 156 7.00 -22.41 -3.78
N SER B 157 6.64 -22.28 -5.05
CA SER B 157 5.81 -21.18 -5.49
C SER B 157 4.34 -21.40 -5.17
N ALA B 158 3.92 -22.67 -5.11
CA ALA B 158 2.52 -22.99 -4.82
C ALA B 158 2.20 -22.83 -3.34
N THR B 159 3.13 -23.23 -2.48
CA THR B 159 2.93 -23.05 -1.05
C THR B 159 3.00 -21.57 -0.67
N PHE B 160 3.91 -20.84 -1.30
CA PHE B 160 4.01 -19.40 -1.04
C PHE B 160 2.74 -18.67 -1.49
N GLU B 161 2.15 -19.12 -2.59
CA GLU B 161 0.88 -18.56 -3.05
C GLU B 161 -0.24 -18.79 -2.03
N VAL B 162 -0.22 -19.93 -1.36
CA VAL B 162 -1.19 -20.20 -0.30
C VAL B 162 -0.91 -19.32 0.91
N PHE B 163 0.36 -19.25 1.29
CA PHE B 163 0.79 -18.43 2.41
C PHE B 163 0.30 -16.98 2.24
N CYS B 164 0.44 -16.44 1.03
CA CYS B 164 0.05 -15.06 0.76
C CYS B 164 -1.45 -14.85 0.77
N GLU B 165 -2.22 -15.93 0.77
CA GLU B 165 -3.67 -15.83 0.76
C GLU B 165 -4.25 -15.87 2.17
N LEU B 166 -3.42 -16.23 3.15
CA LEU B 166 -3.86 -16.27 4.54
C LEU B 166 -4.35 -14.90 4.98
N PRO B 167 -5.38 -14.87 5.84
CA PRO B 167 -5.90 -13.61 6.37
C PRO B 167 -4.81 -12.79 7.09
N CYS B 168 -3.86 -13.47 7.73
CA CYS B 168 -2.81 -12.78 8.47
C CYS B 168 -1.80 -12.11 7.55
N MET B 169 -1.78 -12.52 6.28
CA MET B 169 -0.93 -11.90 5.26
C MET B 169 -1.69 -10.87 4.44
N ASP B 170 -2.94 -10.63 4.82
CA ASP B 170 -3.84 -9.82 4.00
C ASP B 170 -3.18 -8.62 3.33
N GLY B 171 -2.79 -7.62 4.10
CA GLY B 171 -2.27 -6.40 3.50
C GLY B 171 -0.74 -6.28 3.54
N PHE B 172 -0.04 -7.40 3.49
CA PHE B 172 1.41 -7.40 3.68
C PHE B 172 2.17 -6.46 2.75
N ALA B 173 1.96 -6.61 1.44
CA ALA B 173 2.68 -5.81 0.46
C ALA B 173 2.37 -4.33 0.61
N GLU B 174 1.09 -4.01 0.80
CA GLU B 174 0.68 -2.62 0.92
C GLU B 174 1.18 -1.98 2.22
N GLN B 175 1.24 -2.77 3.28
CA GLN B 175 1.66 -2.25 4.57
C GLN B 175 3.18 -2.10 4.65
N ASN B 176 3.90 -3.11 4.17
CA ASN B 176 5.34 -3.17 4.35
C ASN B 176 6.14 -2.88 3.08
N GLY B 177 5.44 -2.81 1.94
CA GLY B 177 6.07 -2.39 0.69
C GLY B 177 6.49 -3.55 -0.20
N LYS B 178 6.70 -3.24 -1.47
CA LYS B 178 7.14 -4.24 -2.46
C LYS B 178 8.49 -4.87 -2.10
N THR B 179 9.44 -4.04 -1.70
CA THR B 179 10.78 -4.54 -1.37
C THR B 179 10.74 -5.58 -0.24
N ALA B 180 10.05 -5.27 0.86
CA ALA B 180 9.90 -6.20 1.96
C ALA B 180 9.22 -7.49 1.50
N PHE B 181 8.17 -7.35 0.70
CA PHE B 181 7.42 -8.50 0.22
C PHE B 181 8.28 -9.45 -0.59
N TYR B 182 9.15 -8.90 -1.44
CA TYR B 182 10.01 -9.72 -2.27
C TYR B 182 11.17 -10.32 -1.47
N ALA B 183 11.60 -9.61 -0.43
CA ALA B 183 12.59 -10.17 0.48
C ALA B 183 11.97 -11.36 1.21
N LEU B 184 10.71 -11.24 1.59
CA LEU B 184 10.00 -12.34 2.25
C LEU B 184 9.90 -13.55 1.32
N ARG B 185 9.58 -13.28 0.05
CA ARG B 185 9.50 -14.35 -0.93
C ARG B 185 10.85 -15.06 -1.05
N ALA B 186 11.93 -14.30 -1.15
CA ALA B 186 13.26 -14.88 -1.30
C ALA B 186 13.59 -15.76 -0.10
N GLY B 187 13.34 -15.25 1.10
CA GLY B 187 13.58 -16.02 2.31
C GLY B 187 12.79 -17.31 2.29
N PHE B 188 11.54 -17.21 1.83
CA PHE B 188 10.64 -18.35 1.74
C PHE B 188 11.18 -19.42 0.79
N TYR B 189 11.54 -19.01 -0.43
CA TYR B 189 12.12 -19.92 -1.41
C TYR B 189 13.40 -20.55 -0.90
N SER B 190 14.28 -19.72 -0.35
CA SER B 190 15.56 -20.19 0.16
C SER B 190 15.43 -21.17 1.32
N ALA B 191 14.26 -21.18 1.96
CA ALA B 191 14.04 -22.05 3.11
C ALA B 191 14.10 -23.51 2.70
N PHE B 192 13.68 -23.81 1.47
CA PHE B 192 13.73 -25.17 0.96
C PHE B 192 15.16 -25.61 0.64
N LYS B 193 15.77 -26.36 1.56
CA LYS B 193 17.14 -26.82 1.40
C LYS B 193 17.24 -28.13 0.62
N ASN B 194 16.70 -29.20 1.20
CA ASN B 194 16.71 -30.50 0.55
C ASN B 194 15.33 -30.91 0.06
N THR B 195 15.29 -31.56 -1.10
CA THR B 195 14.02 -31.97 -1.70
C THR B 195 13.26 -32.94 -0.80
N ASP B 196 13.97 -33.58 0.12
CA ASP B 196 13.35 -34.56 1.02
C ASP B 196 13.18 -34.04 2.44
N THR B 197 13.39 -32.73 2.63
CA THR B 197 13.17 -32.10 3.93
C THR B 197 12.28 -30.86 3.80
N ALA B 198 11.44 -30.83 2.77
CA ALA B 198 10.54 -29.72 2.52
C ALA B 198 9.77 -29.31 3.78
N LYS B 199 9.01 -30.26 4.32
CA LYS B 199 8.20 -30.03 5.51
C LYS B 199 9.04 -29.47 6.65
N GLN B 200 10.13 -30.14 6.96
CA GLN B 200 11.01 -29.76 8.07
C GLN B 200 11.56 -28.34 7.90
N ASP B 201 11.94 -27.99 6.68
CA ASP B 201 12.57 -26.69 6.42
C ASP B 201 11.58 -25.54 6.58
N ILE B 202 10.50 -25.57 5.83
CA ILE B 202 9.53 -24.49 5.85
C ILE B 202 8.93 -24.33 7.24
N THR B 203 8.87 -25.43 7.98
CA THR B 203 8.40 -25.39 9.36
C THR B 203 9.31 -24.49 10.20
N LYS B 204 10.61 -24.61 9.99
CA LYS B 204 11.59 -23.80 10.72
C LYS B 204 11.48 -22.33 10.35
N PHE B 205 11.42 -22.04 9.05
CA PHE B 205 11.22 -20.67 8.58
C PHE B 205 9.96 -20.06 9.20
N MET B 206 8.90 -20.85 9.26
CA MET B 206 7.65 -20.37 9.84
C MET B 206 7.80 -20.09 11.33
N LYS B 207 8.42 -21.01 12.03
CA LYS B 207 8.59 -20.89 13.49
C LYS B 207 9.46 -19.69 13.84
N ASP B 208 10.59 -19.55 13.16
CA ASP B 208 11.47 -18.40 13.39
C ASP B 208 10.71 -17.09 13.22
N ASN B 209 10.01 -16.95 12.10
CA ASN B 209 9.27 -15.71 11.83
C ASN B 209 8.03 -15.51 12.70
N LEU B 210 7.31 -16.59 13.00
CA LEU B 210 6.13 -16.49 13.86
C LEU B 210 6.54 -16.04 15.25
N GLN B 211 7.64 -16.60 15.75
CA GLN B 211 8.19 -16.20 17.04
C GLN B 211 8.46 -14.69 17.09
N ALA B 212 8.90 -14.14 15.97
CA ALA B 212 9.19 -12.72 15.87
C ALA B 212 8.04 -11.93 15.25
N GLY B 213 6.94 -12.62 14.92
CA GLY B 213 5.80 -11.99 14.29
C GLY B 213 6.11 -11.37 12.93
N PHE B 214 7.07 -11.96 12.23
CA PHE B 214 7.50 -11.48 10.92
C PHE B 214 7.96 -10.02 10.99
N SER B 215 8.42 -9.61 12.18
CA SER B 215 8.82 -8.23 12.41
C SER B 215 10.14 -7.90 11.72
N GLY B 216 10.73 -8.89 11.06
CA GLY B 216 11.95 -8.67 10.30
C GLY B 216 11.63 -8.01 8.96
N TYR B 217 10.34 -7.95 8.63
CA TYR B 217 9.90 -7.44 7.33
C TYR B 217 9.00 -6.22 7.44
N SER B 218 8.96 -5.59 8.62
CA SER B 218 8.05 -4.47 8.84
C SER B 218 8.85 -3.23 9.27
N TYR B 219 8.31 -2.06 8.96
CA TYR B 219 8.92 -0.80 9.36
C TYR B 219 9.04 -0.72 10.87
N GLN B 220 7.97 -1.04 11.58
CA GLN B 220 7.97 -0.92 13.04
C GLN B 220 8.85 -1.96 13.71
N GLY B 221 8.81 -3.19 13.19
CA GLY B 221 9.62 -4.25 13.75
C GLY B 221 11.10 -3.91 13.62
N LEU B 222 11.48 -3.39 12.46
CA LEU B 222 12.88 -3.04 12.19
C LEU B 222 13.30 -1.78 12.95
N THR B 223 12.43 -0.78 12.98
CA THR B 223 12.70 0.43 13.73
C THR B 223 12.91 0.10 15.23
N ASN B 224 12.04 -0.75 15.76
CA ASN B 224 12.17 -1.17 17.16
C ASN B 224 13.49 -1.89 17.41
N ARG B 225 13.89 -2.75 16.48
CA ARG B 225 15.14 -3.49 16.63
C ARG B 225 16.33 -2.55 16.62
N VAL B 226 16.25 -1.51 15.80
CA VAL B 226 17.30 -0.49 15.74
C VAL B 226 17.39 0.25 17.07
N ALA B 227 16.24 0.63 17.62
CA ALA B 227 16.20 1.33 18.91
C ALA B 227 16.74 0.43 20.01
N GLN B 228 16.31 -0.82 20.00
CA GLN B 228 16.81 -1.82 20.95
C GLN B 228 18.34 -1.91 20.90
N LEU B 229 18.87 -1.99 19.69
CA LEU B 229 20.32 -2.09 19.48
C LEU B 229 21.07 -0.86 19.97
N GLU B 230 20.53 0.32 19.70
CA GLU B 230 21.13 1.56 20.18
C GLU B 230 21.20 1.58 21.71
N ALA B 231 20.16 1.06 22.35
CA ALA B 231 20.11 0.97 23.80
C ALA B 231 21.09 -0.09 24.31
N GLN B 232 21.09 -1.24 23.65
CA GLN B 232 22.00 -2.32 24.03
C GLN B 232 23.45 -1.86 23.90
N LEU B 233 23.76 -1.15 22.83
CA LEU B 233 25.12 -0.63 22.65
C LEU B 233 25.45 0.39 23.74
N ALA B 234 24.48 1.24 24.07
CA ALA B 234 24.67 2.25 25.10
C ALA B 234 24.91 1.62 26.47
N ALA B 235 24.08 0.64 26.82
CA ALA B 235 24.17 -0.02 28.11
C ALA B 235 25.43 -0.87 28.24
N LEU B 236 26.06 -1.17 27.10
CA LEU B 236 27.29 -1.96 27.10
C LEU B 236 28.51 -1.06 27.14
N SER B 237 28.54 -0.05 26.28
CA SER B 237 29.65 0.90 26.23
C SER B 237 29.77 1.63 27.57
N ALA B 238 28.77 1.45 28.43
CA ALA B 238 28.76 2.08 29.74
C ALA B 238 29.65 1.33 30.72
N LYS B 239 29.44 0.02 30.82
CA LYS B 239 30.21 -0.83 31.73
C LYS B 239 31.71 -0.65 31.53
N LEU B 240 32.10 -0.24 30.33
CA LEU B 240 33.51 -0.02 30.01
C LEU B 240 33.89 1.45 30.12
#